data_6R18
#
_entry.id   6R18
#
_cell.length_a   56.630
_cell.length_b   59.592
_cell.length_c   88.894
_cell.angle_alpha   90.00
_cell.angle_beta   90.00
_cell.angle_gamma   90.00
#
_symmetry.space_group_name_H-M   'P 21 21 21'
#
loop_
_entity.id
_entity.type
_entity.pdbx_description
1 polymer 'Cereblon isoform 4'
2 polymer 'Cereblon isoform 4'
3 non-polymer 'ZINC ION'
4 non-polymer S-Thalidomide
5 non-polymer 'PHOSPHATE ION'
6 non-polymer '[4-(aminomethyl)phenyl]methyl ~{N}-[(3~{S})-2,5-bis(oxidanylidene)pyrrolidin-3-yl]carbamate'
7 non-polymer 'CHLORIDE ION'
8 water water
#
loop_
_entity_poly.entity_id
_entity_poly.type
_entity_poly.pdbx_seq_one_letter_code
_entity_poly.pdbx_strand_id
1 'polypeptide(L)'
;AMPLDAGGQNSTQMVLAPGASIFRCRQCGQTISRRDWLLPMGGDHEHVVFNPAGMIFRVWCFSLAQGLRLIGAPSGEFSW
FKGYDWTIALCGQCGSHLGWHYEGGSQPQTFFGLIKDRLAEGPAD
;
A,B,C
2 'polypeptide(L)' (UNK)(UNK)(UNK) D
#
# COMPACT_ATOMS: atom_id res chain seq x y z
N VAL A 15 -0.73 22.96 8.81
CA VAL A 15 -0.43 23.51 7.44
C VAL A 15 -1.57 24.31 6.83
N LEU A 16 -1.23 25.20 5.92
CA LEU A 16 -2.22 25.96 5.14
C LEU A 16 -2.64 25.18 3.90
N ALA A 17 -3.95 25.17 3.61
CA ALA A 17 -4.47 24.52 2.40
C ALA A 17 -4.03 23.06 2.20
N PRO A 18 -4.23 22.18 3.18
CA PRO A 18 -3.82 20.78 3.02
C PRO A 18 -4.62 20.07 1.91
N GLY A 19 -3.95 19.23 1.13
CA GLY A 19 -4.58 18.55 -0.01
C GLY A 19 -4.84 17.11 0.31
N ALA A 20 -4.52 16.65 1.51
CA ALA A 20 -4.63 15.23 1.87
C ALA A 20 -5.27 15.19 3.24
N SER A 21 -6.43 15.69 3.27
CA SER A 21 -7.22 15.76 4.46
CA SER A 21 -7.24 15.78 4.47
C SER A 21 -8.47 14.75 4.63
N ILE A 22 -9.30 14.70 3.60
CA ILE A 22 -10.46 13.91 3.66
C ILE A 22 -10.50 12.89 2.55
N PHE A 23 -11.17 11.81 2.87
CA PHE A 23 -11.39 10.74 1.96
C PHE A 23 -12.85 10.74 1.53
N ARG A 24 -13.05 10.70 0.22
CA ARG A 24 -14.35 10.60 -0.42
C ARG A 24 -14.48 9.29 -1.17
N CYS A 25 -15.72 8.86 -1.38
CA CYS A 25 -16.00 7.73 -2.28
C CYS A 25 -15.42 8.03 -3.65
N ARG A 26 -14.59 7.12 -4.17
CA ARG A 26 -14.01 7.31 -5.50
C ARG A 26 -15.05 7.37 -6.59
N GLN A 27 -16.17 6.66 -6.43
CA GLN A 27 -17.16 6.57 -7.49
C GLN A 27 -18.06 7.75 -7.54
N CYS A 28 -18.34 8.48 -6.46
CA CYS A 28 -19.35 9.51 -6.45
C CYS A 28 -19.00 10.76 -5.73
N GLY A 29 -17.99 10.77 -4.83
CA GLY A 29 -17.65 11.90 -4.05
C GLY A 29 -18.23 12.09 -2.69
N GLN A 30 -19.03 11.13 -2.22
CA GLN A 30 -19.57 11.19 -0.86
CA GLN A 30 -19.57 11.19 -0.86
C GLN A 30 -18.41 11.31 0.14
N THR A 31 -18.57 12.20 1.12
CA THR A 31 -17.57 12.31 2.17
C THR A 31 -17.61 11.04 3.05
N ILE A 32 -16.47 10.42 3.29
CA ILE A 32 -16.38 9.15 4.05
C ILE A 32 -15.50 9.27 5.29
N SER A 33 -14.26 9.73 5.20
CA SER A 33 -13.44 9.76 6.43
C SER A 33 -12.36 10.81 6.27
N ARG A 34 -11.40 10.79 7.19
CA ARG A 34 -10.38 11.84 7.31
C ARG A 34 -9.10 11.18 7.63
N ARG A 35 -7.98 11.69 7.12
CA ARG A 35 -6.67 11.15 7.49
C ARG A 35 -6.42 11.22 9.01
N ASP A 36 -6.96 12.25 9.65
CA ASP A 36 -6.77 12.37 11.10
C ASP A 36 -7.40 11.23 11.86
N TRP A 37 -8.30 10.48 11.23
CA TRP A 37 -9.02 9.38 11.90
C TRP A 37 -8.39 8.03 11.58
N LEU A 38 -7.26 7.98 10.93
CA LEU A 38 -6.58 6.69 10.73
C LEU A 38 -6.26 6.06 12.09
N LEU A 39 -6.33 4.75 12.17
CA LEU A 39 -6.27 4.02 13.44
C LEU A 39 -5.26 2.89 13.29
N PRO A 40 -4.13 2.92 14.00
CA PRO A 40 -3.15 1.84 13.92
C PRO A 40 -3.45 0.55 14.66
N MET A 41 -4.32 -0.26 14.13
CA MET A 41 -4.69 -1.58 14.64
C MET A 41 -3.55 -2.54 14.57
N GLY A 42 -3.15 -3.12 15.70
CA GLY A 42 -2.00 -4.01 15.67
C GLY A 42 -0.74 -3.31 15.25
N GLY A 43 -0.64 -2.00 15.46
CA GLY A 43 0.53 -1.21 15.12
C GLY A 43 0.61 -0.66 13.70
N ASP A 44 -0.42 -0.88 12.90
CA ASP A 44 -0.40 -0.37 11.52
C ASP A 44 -1.80 -0.04 11.12
N HIS A 45 -1.99 1.09 10.47
CA HIS A 45 -3.32 1.38 9.91
C HIS A 45 -3.62 0.58 8.66
N GLU A 46 -2.60 0.03 8.01
CA GLU A 46 -2.81 -0.76 6.82
C GLU A 46 -2.70 -2.24 7.08
N HIS A 47 -3.70 -2.97 6.60
CA HIS A 47 -3.76 -4.43 6.74
C HIS A 47 -4.11 -5.02 5.41
N VAL A 48 -3.26 -5.94 4.90
CA VAL A 48 -3.49 -6.54 3.60
C VAL A 48 -4.04 -7.91 3.80
N VAL A 49 -5.21 -8.16 3.25
CA VAL A 49 -6.04 -9.32 3.61
C VAL A 49 -6.67 -9.89 2.39
N PHE A 50 -7.13 -11.15 2.45
CA PHE A 50 -7.97 -11.69 1.41
C PHE A 50 -9.19 -12.33 1.92
N ASN A 51 -10.25 -12.37 1.16
CA ASN A 51 -11.54 -13.00 1.50
C ASN A 51 -11.61 -14.44 0.93
N PRO A 52 -12.73 -15.15 1.22
CA PRO A 52 -12.83 -16.54 0.74
C PRO A 52 -12.88 -16.65 -0.77
N ALA A 53 -13.24 -15.58 -1.47
CA ALA A 53 -13.22 -15.57 -2.95
C ALA A 53 -11.84 -15.21 -3.49
N GLY A 54 -10.86 -15.08 -2.61
CA GLY A 54 -9.48 -14.77 -2.98
C GLY A 54 -9.15 -13.32 -3.34
N MET A 55 -10.08 -12.42 -3.13
CA MET A 55 -9.86 -11.00 -3.42
CA MET A 55 -9.87 -10.99 -3.41
C MET A 55 -8.94 -10.42 -2.37
N ILE A 56 -7.87 -9.73 -2.78
CA ILE A 56 -6.93 -9.05 -1.90
C ILE A 56 -7.37 -7.60 -1.70
N PHE A 57 -7.35 -7.16 -0.45
CA PHE A 57 -7.79 -5.77 -0.13
C PHE A 57 -6.66 -5.15 0.68
N ARG A 58 -6.32 -3.88 0.35
CA ARG A 58 -5.45 -3.07 1.14
C ARG A 58 -6.46 -2.30 1.96
N VAL A 59 -6.57 -2.71 3.19
CA VAL A 59 -7.58 -2.11 4.15
C VAL A 59 -6.86 -1.09 5.02
N TRP A 60 -7.42 0.09 5.06
CA TRP A 60 -6.99 1.13 6.01
C TRP A 60 -8.02 1.20 7.12
N CYS A 61 -7.53 1.19 8.33
CA CYS A 61 -8.40 1.25 9.50
C CYS A 61 -8.59 2.67 9.96
N PHE A 62 -9.82 3.02 10.25
CA PHE A 62 -10.24 4.35 10.69
C PHE A 62 -11.07 4.21 11.95
N SER A 63 -10.85 5.16 12.87
CA SER A 63 -11.67 5.15 14.10
CA SER A 63 -11.67 5.15 14.10
C SER A 63 -13.10 5.54 13.83
N LEU A 64 -13.31 6.35 12.79
CA LEU A 64 -14.55 6.98 12.49
CA LEU A 64 -14.60 6.97 12.48
C LEU A 64 -14.70 7.07 10.98
N ALA A 65 -15.92 7.06 10.56
CA ALA A 65 -16.30 7.31 9.14
C ALA A 65 -17.71 7.74 9.12
N GLN A 66 -18.12 8.33 8.03
CA GLN A 66 -19.46 8.82 7.78
C GLN A 66 -19.86 8.50 6.37
N GLY A 67 -21.12 8.75 6.03
CA GLY A 67 -21.53 8.63 4.66
C GLY A 67 -21.71 7.25 4.17
N LEU A 68 -21.61 6.26 5.02
CA LEU A 68 -21.74 4.85 4.67
C LEU A 68 -23.12 4.40 4.98
N ARG A 69 -23.46 3.20 4.51
CA ARG A 69 -24.64 2.45 4.95
C ARG A 69 -24.16 1.10 5.32
N LEU A 70 -24.43 0.71 6.59
CA LEU A 70 -23.97 -0.56 7.13
C LEU A 70 -25.08 -1.56 6.93
N ILE A 71 -24.79 -2.69 6.29
CA ILE A 71 -25.75 -3.62 5.82
C ILE A 71 -25.85 -4.84 6.72
N GLY A 72 -27.07 -5.13 7.17
CA GLY A 72 -27.29 -6.37 7.90
C GLY A 72 -26.79 -6.37 9.30
N ALA A 73 -26.76 -7.56 9.85
CA ALA A 73 -26.29 -7.83 11.20
C ALA A 73 -24.83 -8.35 11.17
N PRO A 74 -24.10 -8.18 12.26
CA PRO A 74 -22.69 -8.54 12.29
C PRO A 74 -22.45 -10.00 12.18
N SER A 75 -21.32 -10.39 11.65
CA SER A 75 -20.85 -11.74 11.56
C SER A 75 -19.43 -11.88 11.97
N GLY A 76 -19.04 -12.91 12.73
CA GLY A 76 -17.66 -13.17 13.00
C GLY A 76 -16.93 -14.00 11.97
N GLU A 77 -17.67 -14.55 11.02
CA GLU A 77 -17.11 -15.49 10.05
C GLU A 77 -15.94 -14.87 9.27
N PHE A 78 -14.81 -15.52 9.22
CA PHE A 78 -13.66 -15.10 8.42
C PHE A 78 -13.12 -13.74 8.87
N SER A 79 -13.42 -13.24 10.07
CA SER A 79 -12.99 -11.91 10.43
C SER A 79 -11.49 -11.78 10.42
N TRP A 80 -11.00 -10.72 9.79
CA TRP A 80 -9.61 -10.40 9.71
C TRP A 80 -9.03 -9.82 11.00
N PHE A 81 -9.88 -9.49 11.96
CA PHE A 81 -9.46 -8.79 13.15
C PHE A 81 -10.01 -9.57 14.32
N LYS A 82 -9.09 -10.12 15.12
CA LYS A 82 -9.49 -11.01 16.19
C LYS A 82 -10.38 -10.29 17.20
N GLY A 83 -11.51 -10.97 17.50
CA GLY A 83 -12.44 -10.45 18.45
C GLY A 83 -13.50 -9.51 17.92
N TYR A 84 -13.46 -9.24 16.60
CA TYR A 84 -14.42 -8.35 15.97
C TYR A 84 -15.31 -9.07 15.00
N ASP A 85 -16.54 -8.61 14.95
CA ASP A 85 -17.53 -9.07 14.02
C ASP A 85 -17.70 -7.96 13.02
N TRP A 86 -18.10 -8.28 11.81
CA TRP A 86 -18.15 -7.24 10.70
C TRP A 86 -19.51 -7.15 10.11
N THR A 87 -19.77 -5.95 9.55
CA THR A 87 -20.91 -5.67 8.67
CA THR A 87 -20.91 -5.63 8.70
C THR A 87 -20.32 -5.00 7.42
N ILE A 88 -20.88 -5.32 6.30
CA ILE A 88 -20.49 -4.64 5.02
C ILE A 88 -20.86 -3.19 5.12
N ALA A 89 -19.93 -2.34 4.64
CA ALA A 89 -20.13 -0.90 4.57
C ALA A 89 -20.15 -0.46 3.12
N LEU A 90 -21.29 0.02 2.68
CA LEU A 90 -21.45 0.57 1.33
C LEU A 90 -21.38 2.08 1.41
N CYS A 91 -20.96 2.72 0.34
CA CYS A 91 -21.19 4.15 0.21
C CYS A 91 -22.69 4.38 0.30
N GLY A 92 -23.09 5.28 1.22
CA GLY A 92 -24.49 5.54 1.41
C GLY A 92 -25.13 6.31 0.28
N GLN A 93 -24.32 6.90 -0.57
CA GLN A 93 -24.84 7.65 -1.71
C GLN A 93 -24.99 6.72 -2.92
N CYS A 94 -23.91 6.07 -3.34
CA CYS A 94 -23.90 5.34 -4.64
C CYS A 94 -23.93 3.83 -4.48
N GLY A 95 -23.71 3.29 -3.27
CA GLY A 95 -23.71 1.85 -3.07
C GLY A 95 -22.43 1.14 -3.31
N SER A 96 -21.37 1.79 -3.69
CA SER A 96 -20.04 1.17 -3.87
C SER A 96 -19.65 0.48 -2.58
N HIS A 97 -19.07 -0.71 -2.69
CA HIS A 97 -18.61 -1.41 -1.48
C HIS A 97 -17.29 -0.79 -1.06
N LEU A 98 -17.29 -0.03 0.05
CA LEU A 98 -16.12 0.66 0.53
C LEU A 98 -15.33 -0.04 1.61
N GLY A 99 -15.97 -1.00 2.31
CA GLY A 99 -15.25 -1.77 3.32
C GLY A 99 -16.21 -2.41 4.28
N TRP A 100 -15.85 -2.32 5.57
CA TRP A 100 -16.58 -3.03 6.62
C TRP A 100 -16.53 -2.22 7.87
N HIS A 101 -17.57 -2.39 8.67
CA HIS A 101 -17.58 -1.89 10.06
C HIS A 101 -17.36 -3.06 10.99
N TYR A 102 -16.49 -2.84 11.94
CA TYR A 102 -16.14 -3.91 12.95
C TYR A 102 -16.66 -3.50 14.29
N GLU A 103 -17.23 -4.47 15.02
CA GLU A 103 -17.78 -4.21 16.35
C GLU A 103 -17.62 -5.47 17.19
N GLY A 104 -17.95 -5.30 18.46
CA GLY A 104 -18.00 -6.42 19.39
C GLY A 104 -16.65 -6.74 20.01
N GLY A 105 -15.63 -5.95 19.74
CA GLY A 105 -14.27 -6.23 20.22
C GLY A 105 -13.85 -5.36 21.39
N SER A 106 -12.53 -5.15 21.49
CA SER A 106 -11.98 -4.46 22.66
C SER A 106 -10.84 -3.52 22.24
N GLN A 107 -10.91 -2.30 22.75
CA GLN A 107 -9.84 -1.27 22.62
C GLN A 107 -9.32 -1.15 21.17
N PRO A 108 -10.18 -0.69 20.25
CA PRO A 108 -11.49 -0.17 20.47
C PRO A 108 -12.59 -1.23 20.34
N GLN A 109 -13.76 -0.92 20.80
CA GLN A 109 -14.88 -1.79 20.59
C GLN A 109 -15.28 -1.91 19.11
N THR A 110 -15.16 -0.77 18.42
CA THR A 110 -15.57 -0.64 17.03
C THR A 110 -14.57 0.15 16.23
N PHE A 111 -14.51 -0.15 14.92
CA PHE A 111 -13.73 0.71 13.97
C PHE A 111 -14.20 0.35 12.56
N PHE A 112 -13.67 1.11 11.58
CA PHE A 112 -13.95 0.84 10.17
C PHE A 112 -12.71 0.34 9.45
N GLY A 113 -12.88 -0.65 8.58
CA GLY A 113 -11.80 -1.06 7.68
C GLY A 113 -12.24 -0.74 6.27
N LEU A 114 -11.61 0.25 5.65
CA LEU A 114 -12.03 0.73 4.32
C LEU A 114 -10.97 0.37 3.29
N ILE A 115 -11.42 0.10 2.09
CA ILE A 115 -10.56 -0.36 0.98
C ILE A 115 -9.92 0.89 0.34
N LYS A 116 -8.61 1.01 0.47
CA LYS A 116 -7.91 2.22 0.17
C LYS A 116 -8.16 2.75 -1.25
N ASP A 117 -8.09 1.83 -2.21
CA ASP A 117 -8.18 2.17 -3.63
C ASP A 117 -9.59 2.46 -4.06
N ARG A 118 -10.57 2.34 -3.17
CA ARG A 118 -11.96 2.74 -3.43
C ARG A 118 -12.31 4.11 -2.90
N LEU A 119 -11.30 4.80 -2.38
CA LEU A 119 -11.46 6.16 -1.83
C LEU A 119 -10.58 7.12 -2.66
N ALA A 120 -10.97 8.37 -2.65
CA ALA A 120 -10.13 9.46 -3.22
C ALA A 120 -9.79 10.42 -2.11
N GLU A 121 -8.53 10.81 -2.02
CA GLU A 121 -8.08 11.67 -0.96
C GLU A 121 -7.89 13.10 -1.50
N GLY A 122 -8.23 14.09 -0.68
CA GLY A 122 -8.15 15.47 -1.18
C GLY A 122 -8.38 16.44 -0.04
N PRO A 123 -8.54 17.71 -0.40
CA PRO A 123 -8.62 18.76 0.56
C PRO A 123 -9.93 18.78 1.30
N ALA A 124 -9.92 19.44 2.44
CA ALA A 124 -11.01 19.54 3.41
C ALA A 124 -12.27 20.25 2.96
N ASP A 125 -13.32 20.10 3.80
CA ASP A 125 -14.73 20.56 3.58
C ASP A 125 -15.45 19.94 2.39
N MET B 14 22.22 -10.31 -12.83
CA MET B 14 22.93 -9.03 -13.17
C MET B 14 22.05 -8.21 -14.12
N VAL B 15 22.15 -6.90 -13.98
CA VAL B 15 21.30 -5.97 -14.70
C VAL B 15 22.24 -5.04 -15.52
N LEU B 16 22.08 -5.06 -16.85
CA LEU B 16 22.98 -4.33 -17.74
C LEU B 16 22.29 -3.10 -18.29
N ALA B 17 21.01 -2.94 -17.99
CA ALA B 17 20.18 -1.94 -18.67
C ALA B 17 18.96 -1.62 -17.82
N PRO B 18 18.21 -0.57 -18.21
CA PRO B 18 16.96 -0.31 -17.46
C PRO B 18 15.91 -1.41 -17.65
N SER B 21 10.22 -1.86 -18.58
CA SER B 21 9.25 -1.26 -19.49
C SER B 21 9.22 0.26 -19.32
N ILE B 22 8.55 0.94 -20.26
CA ILE B 22 8.44 2.38 -20.23
C ILE B 22 6.98 2.82 -20.33
N PHE B 23 6.74 4.06 -19.96
CA PHE B 23 5.44 4.68 -20.03
C PHE B 23 5.53 5.79 -21.06
N ARG B 24 4.69 5.69 -22.07
CA ARG B 24 4.62 6.66 -23.15
C ARG B 24 3.35 7.46 -23.00
N CYS B 25 3.38 8.70 -23.54
CA CYS B 25 2.16 9.45 -23.69
C CYS B 25 1.15 8.67 -24.48
N ARG B 26 -0.04 8.48 -23.97
CA ARG B 26 -1.05 7.67 -24.70
C ARG B 26 -1.45 8.39 -26.00
N GLN B 27 -1.46 9.71 -26.01
CA GLN B 27 -1.89 10.46 -27.20
C GLN B 27 -0.90 10.56 -28.29
N CYS B 28 0.41 10.66 -28.03
CA CYS B 28 1.36 10.77 -29.15
C CYS B 28 2.51 9.78 -29.16
N GLY B 29 2.68 9.02 -28.08
CA GLY B 29 3.75 8.07 -28.03
C GLY B 29 5.07 8.47 -27.48
N GLN B 30 5.24 9.73 -27.13
CA GLN B 30 6.51 10.17 -26.58
C GLN B 30 6.84 9.40 -25.31
N THR B 31 8.05 8.94 -25.12
CA THR B 31 8.45 8.36 -23.87
C THR B 31 8.43 9.42 -22.79
N ILE B 32 7.80 9.09 -21.67
CA ILE B 32 7.68 9.99 -20.51
C ILE B 32 8.38 9.46 -19.27
N SER B 33 8.19 8.22 -18.87
CA SER B 33 8.84 7.72 -17.68
C SER B 33 9.02 6.21 -17.78
N ARG B 34 9.47 5.60 -16.69
CA ARG B 34 9.98 4.20 -16.73
C ARG B 34 9.47 3.52 -15.50
N ARG B 35 9.12 2.24 -15.57
CA ARG B 35 8.79 1.47 -14.43
C ARG B 35 9.89 1.46 -13.35
N ASP B 36 11.16 1.51 -13.76
CA ASP B 36 12.25 1.57 -12.81
C ASP B 36 12.16 2.81 -11.88
N TRP B 37 11.42 3.84 -12.33
CA TRP B 37 11.33 5.10 -11.59
C TRP B 37 10.07 5.20 -10.80
N LEU B 38 9.27 4.13 -10.68
CA LEU B 38 8.15 4.20 -9.81
C LEU B 38 8.57 4.51 -8.41
N LEU B 39 7.75 5.30 -7.71
CA LEU B 39 8.18 5.88 -6.44
C LEU B 39 7.03 5.68 -5.46
N PRO B 40 7.20 4.84 -4.43
CA PRO B 40 6.09 4.62 -3.47
C PRO B 40 5.94 5.70 -2.38
N MET B 41 5.40 6.84 -2.74
CA MET B 41 5.17 7.96 -1.81
C MET B 41 4.10 7.60 -0.84
N GLY B 42 4.37 7.80 0.44
CA GLY B 42 3.40 7.43 1.46
C GLY B 42 3.07 5.93 1.44
N GLY B 43 3.96 5.10 0.91
CA GLY B 43 3.81 3.65 0.89
C GLY B 43 3.06 3.08 -0.30
N ASP B 44 2.79 3.91 -1.30
CA ASP B 44 2.05 3.40 -2.48
C ASP B 44 2.49 4.22 -3.63
N HIS B 45 2.72 3.61 -4.80
CA HIS B 45 2.95 4.44 -5.97
C HIS B 45 1.66 4.98 -6.55
N GLU B 46 0.51 4.37 -6.25
CA GLU B 46 -0.79 4.83 -6.71
C GLU B 46 -1.48 5.70 -5.68
N HIS B 47 -1.99 6.83 -6.12
CA HIS B 47 -2.74 7.73 -5.23
C HIS B 47 -3.98 8.18 -5.98
N VAL B 48 -5.16 7.84 -5.52
CA VAL B 48 -6.43 8.32 -6.00
C VAL B 48 -6.77 9.57 -5.21
N VAL B 49 -6.94 10.68 -5.91
CA VAL B 49 -6.97 12.01 -5.31
C VAL B 49 -8.05 12.85 -5.95
N PHE B 50 -8.48 13.92 -5.27
CA PHE B 50 -9.38 14.87 -5.88
C PHE B 50 -8.92 16.27 -5.57
N ASN B 51 -9.26 17.20 -6.49
CA ASN B 51 -8.82 18.59 -6.36
C ASN B 51 -10.00 19.44 -5.80
N PRO B 52 -9.76 20.74 -5.54
CA PRO B 52 -10.82 21.57 -5.02
C PRO B 52 -12.04 21.72 -5.93
N ALA B 53 -11.85 21.54 -7.23
CA ALA B 53 -12.96 21.58 -8.18
C ALA B 53 -13.73 20.28 -8.24
N GLY B 54 -13.26 19.30 -7.47
CA GLY B 54 -13.94 18.01 -7.37
C GLY B 54 -13.58 17.04 -8.46
N MET B 55 -12.55 17.28 -9.23
CA MET B 55 -12.08 16.31 -10.24
CA MET B 55 -12.09 16.31 -10.23
C MET B 55 -11.26 15.24 -9.55
N ILE B 56 -11.50 13.99 -9.91
CA ILE B 56 -10.82 12.80 -9.36
C ILE B 56 -9.79 12.31 -10.32
N PHE B 57 -8.58 12.04 -9.83
CA PHE B 57 -7.49 11.54 -10.66
C PHE B 57 -6.90 10.34 -9.99
N ARG B 58 -6.36 9.43 -10.79
CA ARG B 58 -5.56 8.33 -10.31
C ARG B 58 -4.15 8.52 -10.78
N VAL B 59 -3.27 8.87 -9.83
CA VAL B 59 -1.91 9.30 -10.07
CA VAL B 59 -1.91 9.28 -10.21
C VAL B 59 -0.95 8.21 -9.70
N TRP B 60 0.10 7.97 -10.50
CA TRP B 60 1.23 7.13 -10.16
C TRP B 60 2.44 8.02 -9.98
N CYS B 61 3.19 7.79 -8.92
CA CYS B 61 4.35 8.59 -8.65
C CYS B 61 5.61 8.01 -9.27
N PHE B 62 6.42 8.89 -9.89
CA PHE B 62 7.67 8.54 -10.53
C PHE B 62 8.75 9.47 -10.06
N SER B 63 9.96 8.99 -9.87
CA SER B 63 11.06 9.83 -9.40
CA SER B 63 11.04 9.84 -9.37
C SER B 63 11.50 10.85 -10.42
N LEU B 64 11.50 10.45 -11.68
CA LEU B 64 11.93 11.27 -12.82
C LEU B 64 10.93 11.08 -13.93
N ALA B 65 10.99 11.99 -14.89
CA ALA B 65 10.26 11.90 -16.14
C ALA B 65 10.97 12.74 -17.16
N GLN B 66 10.60 12.57 -18.39
CA GLN B 66 11.16 13.36 -19.49
C GLN B 66 10.08 13.65 -20.47
N GLY B 67 10.36 14.62 -21.35
CA GLY B 67 9.42 14.89 -22.43
C GLY B 67 8.20 15.67 -22.05
N LEU B 68 8.15 16.19 -20.83
CA LEU B 68 7.03 17.00 -20.39
C LEU B 68 7.38 18.47 -20.53
N ARG B 69 6.35 19.30 -20.40
CA ARG B 69 6.53 20.75 -20.26
C ARG B 69 5.74 21.15 -19.03
N LEU B 70 6.38 21.79 -18.07
CA LEU B 70 5.81 22.23 -16.86
C LEU B 70 5.31 23.64 -16.98
N ILE B 71 4.08 23.89 -16.57
CA ILE B 71 3.38 25.11 -16.89
C ILE B 71 3.26 25.98 -15.66
N GLY B 72 3.67 27.21 -15.77
CA GLY B 72 3.46 28.19 -14.69
C GLY B 72 4.42 28.03 -13.54
N ALA B 73 4.11 28.80 -12.50
CA ALA B 73 4.87 28.79 -11.26
C ALA B 73 4.36 27.68 -10.31
N PRO B 74 5.22 27.17 -9.44
CA PRO B 74 4.79 26.17 -8.46
C PRO B 74 3.79 26.73 -7.50
N SER B 75 2.86 25.88 -7.08
CA SER B 75 1.83 26.26 -6.11
C SER B 75 1.83 25.28 -4.97
N GLY B 76 1.71 25.81 -3.76
CA GLY B 76 1.56 24.99 -2.59
C GLY B 76 0.10 24.71 -2.25
N GLU B 77 -0.82 25.32 -2.94
CA GLU B 77 -2.26 25.24 -2.58
C GLU B 77 -2.75 23.82 -2.75
N PHE B 78 -3.33 23.23 -1.72
CA PHE B 78 -4.01 21.94 -1.81
C PHE B 78 -3.16 20.81 -2.34
N SER B 79 -1.86 20.89 -2.07
CA SER B 79 -0.97 19.86 -2.60
C SER B 79 -1.35 18.51 -2.03
N TRP B 80 -1.37 17.49 -2.89
CA TRP B 80 -1.66 16.16 -2.46
C TRP B 80 -0.49 15.50 -1.72
N PHE B 81 0.67 16.12 -1.73
CA PHE B 81 1.87 15.59 -1.09
C PHE B 81 2.42 16.65 -0.18
N LYS B 82 2.24 16.44 1.14
CA LYS B 82 2.63 17.42 2.10
C LYS B 82 4.11 17.77 1.99
N GLY B 83 4.39 19.06 1.99
CA GLY B 83 5.74 19.54 1.86
C GLY B 83 6.22 19.87 0.47
N TYR B 84 5.35 19.63 -0.52
CA TYR B 84 5.69 19.87 -1.90
C TYR B 84 4.77 20.86 -2.56
N ASP B 85 5.32 21.64 -3.47
CA ASP B 85 4.59 22.46 -4.39
C ASP B 85 4.45 21.73 -5.71
N TRP B 86 3.42 22.07 -6.46
CA TRP B 86 3.12 21.39 -7.71
C TRP B 86 3.05 22.35 -8.88
N THR B 87 3.35 21.80 -10.07
CA THR B 87 3.15 22.48 -11.33
CA THR B 87 3.16 22.48 -11.34
CA THR B 87 3.20 22.48 -11.35
C THR B 87 2.51 21.50 -12.29
N ILE B 88 1.60 21.96 -13.11
CA ILE B 88 0.98 21.15 -14.14
CA ILE B 88 0.98 21.12 -14.11
C ILE B 88 2.02 20.68 -15.15
N ALA B 89 1.95 19.40 -15.51
CA ALA B 89 2.81 18.79 -16.51
C ALA B 89 2.01 18.35 -17.72
N LEU B 90 2.37 18.91 -18.87
CA LEU B 90 1.82 18.50 -20.16
C LEU B 90 2.84 17.70 -20.91
N CYS B 91 2.39 16.82 -21.80
CA CYS B 91 3.30 16.28 -22.79
C CYS B 91 3.90 17.40 -23.62
N GLY B 92 5.21 17.47 -23.69
CA GLY B 92 5.88 18.54 -24.44
C GLY B 92 5.69 18.40 -25.91
N GLN B 93 5.34 17.23 -26.41
CA GLN B 93 5.18 17.02 -27.85
C GLN B 93 3.78 17.28 -28.31
N CYS B 94 2.75 16.83 -27.60
CA CYS B 94 1.36 16.96 -28.01
C CYS B 94 0.45 17.81 -27.15
N GLY B 95 0.90 18.15 -25.95
CA GLY B 95 0.11 18.98 -25.03
C GLY B 95 -0.87 18.25 -24.12
N SER B 96 -0.96 16.91 -24.21
CA SER B 96 -1.83 16.15 -23.30
C SER B 96 -1.50 16.46 -21.85
N HIS B 97 -2.50 16.58 -20.99
CA HIS B 97 -2.28 16.80 -19.57
C HIS B 97 -1.91 15.47 -18.94
N LEU B 98 -0.64 15.26 -18.58
CA LEU B 98 -0.15 13.97 -18.09
C LEU B 98 0.00 13.94 -16.59
N GLY B 99 -0.01 15.06 -15.88
CA GLY B 99 0.01 15.06 -14.41
C GLY B 99 0.61 16.34 -13.84
N TRP B 100 1.51 16.17 -12.89
CA TRP B 100 2.09 17.23 -12.15
C TRP B 100 3.53 16.92 -11.78
N HIS B 101 4.33 17.97 -11.65
CA HIS B 101 5.64 17.89 -11.03
C HIS B 101 5.58 18.45 -9.63
N TYR B 102 6.27 17.80 -8.69
CA TYR B 102 6.33 18.21 -7.29
C TYR B 102 7.75 18.58 -6.98
N GLU B 103 7.89 19.64 -6.17
CA GLU B 103 9.21 20.13 -5.77
C GLU B 103 9.14 20.75 -4.40
N GLY B 104 10.33 21.07 -3.93
CA GLY B 104 10.46 21.93 -2.71
C GLY B 104 10.35 21.12 -1.45
N GLY B 105 10.35 19.80 -1.57
CA GLY B 105 10.46 18.89 -0.41
C GLY B 105 11.88 18.41 -0.19
N SER B 106 11.95 17.31 0.55
CA SER B 106 13.19 16.61 0.80
C SER B 106 13.00 15.13 0.64
N GLN B 107 14.03 14.47 0.09
CA GLN B 107 14.11 13.02 -0.02
C GLN B 107 12.78 12.38 -0.50
N PRO B 108 12.41 12.62 -1.76
CA PRO B 108 13.22 13.33 -2.76
C PRO B 108 12.85 14.81 -2.83
N GLN B 109 13.68 15.61 -3.42
CA GLN B 109 13.34 16.98 -3.54
C GLN B 109 12.37 17.20 -4.71
N THR B 110 12.43 16.44 -5.77
CA THR B 110 11.60 16.41 -6.98
C THR B 110 11.09 15.00 -7.23
N PHE B 111 9.77 15.00 -7.74
CA PHE B 111 9.14 13.81 -8.28
C PHE B 111 7.93 14.20 -9.12
N PHE B 112 7.36 13.25 -9.83
CA PHE B 112 6.20 13.47 -10.64
C PHE B 112 5.02 12.65 -10.17
N GLY B 113 3.84 13.19 -10.29
CA GLY B 113 2.61 12.39 -10.16
C GLY B 113 1.92 12.40 -11.47
N LEU B 114 1.90 11.27 -12.17
CA LEU B 114 1.40 11.19 -13.54
C LEU B 114 0.10 10.43 -13.60
N ILE B 115 -0.81 10.86 -14.44
CA ILE B 115 -2.15 10.27 -14.53
C ILE B 115 -2.06 8.94 -15.29
N LYS B 116 -2.29 7.84 -14.60
CA LYS B 116 -2.10 6.51 -15.19
C LYS B 116 -2.89 6.31 -16.45
N ASP B 117 -4.13 6.76 -16.49
CA ASP B 117 -4.98 6.60 -17.72
C ASP B 117 -4.52 7.35 -18.92
N ARG B 118 -3.61 8.28 -18.75
CA ARG B 118 -3.05 9.09 -19.86
C ARG B 118 -1.72 8.59 -20.36
N LEU B 119 -1.24 7.48 -19.80
CA LEU B 119 -0.01 6.85 -20.18
C LEU B 119 -0.29 5.46 -20.77
N ALA B 120 0.61 4.99 -21.56
CA ALA B 120 0.58 3.59 -22.07
C ALA B 120 1.85 2.95 -21.73
N GLU B 121 1.79 1.78 -21.08
CA GLU B 121 2.98 1.03 -20.69
C GLU B 121 3.33 0.00 -21.75
N GLY B 122 4.60 -0.13 -22.06
CA GLY B 122 5.02 -1.08 -23.13
C GLY B 122 6.53 -1.26 -23.06
N PRO B 123 7.07 -2.10 -23.94
CA PRO B 123 8.48 -2.35 -23.95
C PRO B 123 9.29 -1.16 -24.43
N ALA B 124 10.50 -1.09 -23.91
CA ALA B 124 11.45 -0.02 -24.26
C ALA B 124 12.03 -0.20 -25.69
N GLY C 19 -10.00 -16.86 9.04
CA GLY C 19 -9.79 -15.42 8.63
C GLY C 19 -8.34 -15.01 8.42
N ALA C 20 -7.45 -15.46 9.31
CA ALA C 20 -6.01 -15.17 9.20
C ALA C 20 -5.24 -16.47 9.35
N SER C 21 -5.48 -17.36 8.42
CA SER C 21 -5.06 -18.71 8.46
C SER C 21 -4.03 -19.09 7.39
N ILE C 22 -4.13 -18.50 6.23
CA ILE C 22 -3.20 -18.74 5.10
C ILE C 22 -2.53 -17.43 4.73
N PHE C 23 -1.23 -17.49 4.48
CA PHE C 23 -0.41 -16.34 4.17
C PHE C 23 0.05 -16.45 2.74
N ARG C 24 -0.10 -15.35 2.01
CA ARG C 24 0.20 -15.30 0.60
C ARG C 24 0.95 -14.03 0.26
N CYS C 25 1.63 -14.05 -0.85
CA CYS C 25 2.33 -12.91 -1.33
C CYS C 25 1.34 -11.74 -1.58
N ARG C 26 1.64 -10.59 -1.03
CA ARG C 26 0.78 -9.42 -1.19
C ARG C 26 0.69 -8.95 -2.64
N GLN C 27 1.77 -9.08 -3.37
CA GLN C 27 1.83 -8.55 -4.76
C GLN C 27 1.10 -9.38 -5.78
N CYS C 28 1.11 -10.70 -5.64
CA CYS C 28 0.53 -11.56 -6.66
C CYS C 28 -0.37 -12.67 -6.16
N GLY C 29 -0.40 -12.92 -4.86
CA GLY C 29 -1.28 -13.94 -4.31
C GLY C 29 -0.74 -15.35 -4.15
N GLN C 30 0.51 -15.58 -4.54
CA GLN C 30 1.13 -16.87 -4.36
C GLN C 30 0.98 -17.38 -2.92
N THR C 31 0.57 -18.62 -2.76
CA THR C 31 0.42 -19.18 -1.42
C THR C 31 1.81 -19.43 -0.87
N ILE C 32 2.06 -19.02 0.38
CA ILE C 32 3.41 -19.18 1.00
C ILE C 32 3.39 -20.03 2.26
N SER C 33 2.51 -19.75 3.24
CA SER C 33 2.55 -20.56 4.46
C SER C 33 1.17 -20.50 5.14
N ARG C 34 1.14 -21.05 6.35
CA ARG C 34 -0.11 -21.39 7.05
C ARG C 34 0.13 -21.09 8.52
N ARG C 35 -0.94 -20.63 9.18
CA ARG C 35 -0.90 -20.42 10.61
C ARG C 35 -0.53 -21.66 11.40
N ASP C 36 -0.81 -22.83 10.93
CA ASP C 36 -0.39 -24.08 11.62
C ASP C 36 1.13 -24.17 11.78
N TRP C 37 1.86 -23.48 10.92
CA TRP C 37 3.34 -23.54 10.89
C TRP C 37 3.98 -22.36 11.56
N LEU C 38 3.18 -21.44 12.08
CA LEU C 38 3.68 -20.25 12.69
C LEU C 38 4.26 -20.61 14.01
N LEU C 39 5.42 -20.03 14.30
CA LEU C 39 6.12 -20.30 15.56
C LEU C 39 5.94 -19.14 16.54
N PRO C 40 5.18 -19.35 17.61
CA PRO C 40 5.08 -18.32 18.67
C PRO C 40 6.35 -18.18 19.55
N MET C 41 6.61 -16.97 20.06
CA MET C 41 7.58 -16.78 21.13
C MET C 41 6.75 -16.21 22.23
N GLY C 42 6.55 -17.01 23.27
CA GLY C 42 5.68 -16.57 24.41
C GLY C 42 4.27 -16.27 23.87
N GLY C 43 3.82 -15.04 24.07
CA GLY C 43 2.48 -14.60 23.60
C GLY C 43 2.48 -13.93 22.24
N ASP C 44 3.65 -13.85 21.60
CA ASP C 44 3.84 -13.13 20.34
C ASP C 44 4.02 -14.00 19.11
N HIS C 45 3.19 -13.70 18.13
CA HIS C 45 3.27 -14.37 16.86
C HIS C 45 4.11 -13.59 15.90
N GLU C 46 4.32 -12.31 16.13
CA GLU C 46 5.09 -11.48 15.21
C GLU C 46 6.15 -10.84 16.06
N HIS C 47 7.26 -10.49 15.44
CA HIS C 47 8.38 -9.79 16.09
C HIS C 47 8.72 -8.50 15.42
N VAL C 48 8.91 -7.42 16.17
CA VAL C 48 9.32 -6.15 15.61
C VAL C 48 10.87 -6.16 15.58
N VAL C 49 11.38 -5.89 14.39
CA VAL C 49 12.81 -5.87 14.14
C VAL C 49 13.16 -4.66 13.34
N PHE C 50 14.46 -4.35 13.25
CA PHE C 50 14.87 -3.12 12.53
C PHE C 50 15.92 -3.57 11.47
N ASN C 51 15.80 -3.09 10.23
CA ASN C 51 16.84 -3.23 9.25
C ASN C 51 18.06 -2.40 9.71
N PRO C 52 19.19 -2.50 8.97
CA PRO C 52 20.38 -1.79 9.40
C PRO C 52 20.23 -0.25 9.51
N ALA C 53 19.30 0.31 8.73
CA ALA C 53 19.05 1.76 8.73
C ALA C 53 18.05 2.14 9.80
N GLY C 54 17.60 1.18 10.60
CA GLY C 54 16.64 1.44 11.67
C GLY C 54 15.17 1.52 11.29
N MET C 55 14.81 1.13 10.09
CA MET C 55 13.38 1.00 9.72
C MET C 55 12.80 -0.26 10.37
N ILE C 56 11.58 -0.18 10.87
CA ILE C 56 10.85 -1.35 11.40
C ILE C 56 10.25 -2.32 10.35
N PHE C 57 10.40 -3.61 10.63
CA PHE C 57 9.51 -4.61 10.03
C PHE C 57 8.88 -5.41 11.18
N ARG C 58 7.71 -5.94 10.90
CA ARG C 58 7.18 -7.09 11.66
C ARG C 58 7.44 -8.43 10.95
N VAL C 59 8.10 -9.36 11.62
CA VAL C 59 8.48 -10.63 11.05
C VAL C 59 7.67 -11.76 11.67
N TRP C 60 7.10 -12.64 10.85
CA TRP C 60 6.50 -13.89 11.28
C TRP C 60 7.44 -15.04 10.99
N CYS C 61 7.63 -15.93 11.97
CA CYS C 61 8.47 -17.09 11.76
C CYS C 61 7.59 -18.29 11.49
N PHE C 62 7.92 -19.06 10.45
CA PHE C 62 7.20 -20.28 10.08
C PHE C 62 8.16 -21.44 9.95
N SER C 63 7.76 -22.58 10.42
CA SER C 63 8.61 -23.77 10.31
C SER C 63 8.73 -24.29 8.89
N LEU C 64 7.67 -24.11 8.09
CA LEU C 64 7.60 -24.60 6.70
C LEU C 64 7.00 -23.52 5.85
N ALA C 65 7.37 -23.50 4.58
CA ALA C 65 6.76 -22.58 3.59
C ALA C 65 6.89 -23.23 2.22
N GLN C 66 6.13 -22.68 1.30
CA GLN C 66 6.17 -23.10 -0.10
C GLN C 66 6.19 -21.87 -0.99
N GLY C 67 6.49 -22.12 -2.28
CA GLY C 67 6.29 -21.09 -3.25
C GLY C 67 7.29 -19.96 -3.25
N LEU C 68 8.39 -20.14 -2.52
CA LEU C 68 9.47 -19.18 -2.48
C LEU C 68 10.58 -19.63 -3.38
N ARG C 69 11.51 -18.72 -3.61
CA ARG C 69 12.79 -19.07 -4.24
C ARG C 69 13.90 -18.60 -3.37
N LEU C 70 14.77 -19.45 -2.89
CA LEU C 70 15.86 -19.05 -1.99
C LEU C 70 17.12 -18.71 -2.78
N ILE C 71 17.66 -17.53 -2.57
CA ILE C 71 18.69 -16.94 -3.42
C ILE C 71 20.02 -16.94 -2.68
N GLY C 72 21.06 -17.44 -3.31
CA GLY C 72 22.42 -17.09 -2.86
C GLY C 72 22.89 -17.87 -1.67
N ALA C 73 24.00 -17.42 -1.10
CA ALA C 73 24.65 -18.12 0.02
C ALA C 73 24.25 -17.51 1.36
N PRO C 74 24.27 -18.30 2.43
CA PRO C 74 23.84 -17.79 3.75
C PRO C 74 24.77 -16.72 4.27
N SER C 75 24.21 -15.79 5.04
CA SER C 75 24.96 -14.72 5.67
C SER C 75 24.55 -14.59 7.13
N GLY C 76 25.50 -14.29 8.00
CA GLY C 76 25.18 -13.95 9.37
C GLY C 76 24.97 -12.47 9.64
N GLU C 77 25.22 -11.63 8.64
CA GLU C 77 25.20 -10.17 8.85
C GLU C 77 23.88 -9.65 9.36
N PHE C 78 23.89 -8.89 10.44
CA PHE C 78 22.66 -8.28 10.96
C PHE C 78 21.59 -9.28 11.37
N SER C 79 21.93 -10.53 11.62
CA SER C 79 20.84 -11.50 11.85
C SER C 79 20.04 -11.14 13.08
N TRP C 80 18.71 -11.14 12.94
CA TRP C 80 17.84 -10.83 14.05
C TRP C 80 17.68 -12.01 14.99
N PHE C 81 18.22 -13.17 14.63
CA PHE C 81 18.05 -14.38 15.43
C PHE C 81 19.47 -14.89 15.69
N LYS C 82 19.90 -14.77 16.93
CA LYS C 82 21.31 -14.99 17.25
C LYS C 82 21.69 -16.43 16.95
N GLY C 83 22.79 -16.63 16.24
CA GLY C 83 23.23 -17.98 15.86
C GLY C 83 22.65 -18.56 14.58
N TYR C 84 21.83 -17.77 13.89
CA TYR C 84 21.27 -18.19 12.61
C TYR C 84 21.74 -17.32 11.47
N ASP C 85 21.99 -18.00 10.36
CA ASP C 85 22.36 -17.33 9.12
C ASP C 85 21.14 -17.30 8.24
N TRP C 86 21.08 -16.34 7.33
CA TRP C 86 19.92 -16.16 6.45
C TRP C 86 20.26 -16.17 4.99
N THR C 87 19.27 -16.54 4.18
CA THR C 87 19.29 -16.43 2.72
CA THR C 87 19.31 -16.39 2.69
C THR C 87 18.00 -15.73 2.29
N ILE C 88 18.07 -14.89 1.29
CA ILE C 88 16.92 -14.17 0.78
C ILE C 88 15.89 -15.14 0.24
N ALA C 89 14.63 -14.85 0.58
CA ALA C 89 13.49 -15.61 0.04
C ALA C 89 12.59 -14.74 -0.80
N LEU C 90 12.53 -15.02 -2.08
CA LEU C 90 11.63 -14.31 -3.00
C LEU C 90 10.34 -15.08 -3.24
N CYS C 91 9.30 -14.38 -3.56
CA CYS C 91 8.12 -15.06 -4.13
C CYS C 91 8.53 -15.76 -5.42
N GLY C 92 8.23 -17.02 -5.51
CA GLY C 92 8.56 -17.76 -6.73
C GLY C 92 7.72 -17.39 -7.92
N GLN C 93 6.59 -16.74 -7.70
CA GLN C 93 5.70 -16.39 -8.78
C GLN C 93 6.01 -15.04 -9.33
N CYS C 94 6.19 -14.02 -8.51
CA CYS C 94 6.42 -12.64 -8.99
C CYS C 94 7.76 -12.05 -8.65
N GLY C 95 8.54 -12.70 -7.82
CA GLY C 95 9.88 -12.15 -7.46
C GLY C 95 9.93 -11.20 -6.28
N SER C 96 8.80 -10.82 -5.69
CA SER C 96 8.77 -9.92 -4.54
C SER C 96 9.63 -10.51 -3.42
N HIS C 97 10.39 -9.69 -2.73
CA HIS C 97 11.18 -10.11 -1.62
C HIS C 97 10.30 -10.26 -0.41
N LEU C 98 10.03 -11.50 0.03
CA LEU C 98 9.06 -11.73 1.11
C LEU C 98 9.72 -11.93 2.45
N GLY C 99 11.02 -12.27 2.50
CA GLY C 99 11.70 -12.47 3.76
C GLY C 99 12.95 -13.29 3.56
N TRP C 100 13.20 -14.21 4.48
CA TRP C 100 14.45 -14.94 4.56
C TRP C 100 14.25 -16.33 5.06
N HIS C 101 15.13 -17.22 4.64
CA HIS C 101 15.24 -18.55 5.23
C HIS C 101 16.43 -18.57 6.19
N TYR C 102 16.19 -19.08 7.38
CA TYR C 102 17.18 -19.09 8.49
C TYR C 102 17.63 -20.52 8.73
N GLU C 103 18.95 -20.64 9.01
CA GLU C 103 19.54 -21.97 9.20
C GLU C 103 20.71 -21.85 10.16
N GLY C 104 21.19 -23.02 10.54
CA GLY C 104 22.48 -23.11 11.22
C GLY C 104 22.38 -22.92 12.72
N GLY C 105 21.16 -22.79 13.25
CA GLY C 105 20.91 -22.93 14.69
C GLY C 105 20.45 -24.32 15.11
N SER C 106 19.84 -24.37 16.28
CA SER C 106 19.24 -25.58 16.82
C SER C 106 17.87 -25.27 17.42
N GLN C 107 16.95 -26.21 17.27
CA GLN C 107 15.61 -26.17 17.87
C GLN C 107 14.91 -24.79 17.75
N PRO C 108 14.56 -24.36 16.55
CA PRO C 108 14.62 -25.18 15.33
C PRO C 108 15.92 -24.96 14.57
N GLN C 109 16.25 -25.91 13.72
CA GLN C 109 17.49 -25.77 12.98
C GLN C 109 17.26 -24.76 11.85
N THR C 110 16.03 -24.73 11.32
CA THR C 110 15.67 -23.90 10.17
C THR C 110 14.28 -23.37 10.38
N PHE C 111 14.03 -22.21 9.78
CA PHE C 111 12.70 -21.62 9.71
C PHE C 111 12.74 -20.54 8.65
N PHE C 112 11.58 -20.04 8.35
CA PHE C 112 11.38 -18.91 7.42
C PHE C 112 10.91 -17.72 8.19
N GLY C 113 11.59 -16.58 8.05
CA GLY C 113 11.21 -15.33 8.67
C GLY C 113 10.68 -14.40 7.61
N LEU C 114 9.39 -14.17 7.58
CA LEU C 114 8.73 -13.45 6.50
C LEU C 114 8.19 -12.12 6.98
N ILE C 115 8.28 -11.12 6.11
CA ILE C 115 7.88 -9.76 6.45
C ILE C 115 6.38 -9.60 6.38
N LYS C 116 5.76 -9.23 7.50
CA LYS C 116 4.29 -9.04 7.55
C LYS C 116 3.73 -8.17 6.45
N ASP C 117 4.38 -7.04 6.20
CA ASP C 117 3.87 -6.07 5.23
C ASP C 117 4.10 -6.49 3.80
N ARG C 118 4.72 -7.65 3.57
CA ARG C 118 4.85 -8.21 2.21
C ARG C 118 3.88 -9.36 1.98
N LEU C 119 3.02 -9.67 2.94
CA LEU C 119 2.10 -10.79 2.91
C LEU C 119 0.65 -10.32 3.01
N ALA C 120 -0.27 -11.09 2.52
CA ALA C 120 -1.73 -10.91 2.74
C ALA C 120 -2.20 -12.16 3.48
N GLU C 121 -3.06 -11.96 4.47
CA GLU C 121 -3.58 -13.09 5.25
C GLU C 121 -5.01 -13.29 4.94
N GLY C 122 -5.47 -14.54 4.92
CA GLY C 122 -6.91 -14.82 4.71
C GLY C 122 -7.27 -16.20 5.17
N PRO C 123 -8.51 -16.59 4.91
CA PRO C 123 -9.03 -17.82 5.43
C PRO C 123 -8.48 -19.04 4.74
N ALA C 124 -8.54 -20.18 5.43
CA ALA C 124 -8.16 -21.48 4.82
C ALA C 124 -9.09 -21.87 3.67
N UNK D 1 19.92 -7.06 -0.66
CA UNK D 1 19.20 -5.77 -0.44
C UNK D 1 17.80 -6.12 -0.02
N UNK D 2 17.36 -5.54 1.11
CA UNK D 2 16.14 -6.00 1.78
C UNK D 2 15.15 -4.98 2.32
N UNK D 3 15.37 -3.70 2.03
CA UNK D 3 14.57 -2.61 2.59
C UNK D 3 14.93 -1.27 2.01
#